data_7NP6
#
_entry.id   7NP6
#
_cell.length_a   108.678
_cell.length_b   108.678
_cell.length_c   98.647
_cell.angle_alpha   90.000
_cell.angle_beta   90.000
_cell.angle_gamma   120.000
#
_symmetry.space_group_name_H-M   'P 61 2 2'
#
loop_
_entity.id
_entity.type
_entity.pdbx_description
1 polymer 'Nuclear receptor ROR-gamma'
2 non-polymer '4-[[3-[2-chloranyl-6-(trifluoromethyl)phenyl]-5-(1~{H}-pyrazol-4-yl)-1,2-oxazol-4-yl]methoxy]benzoic acid'
3 water water
#
_entity_poly.entity_id   1
_entity_poly.type   'polypeptide(L)'
_entity_poly.pdbx_seq_one_letter_code
;GSHMASLTEIEHLVQSVCKSYRETCQLRLEDLLRQRSNIFSREEVTGYQRKSMWEMWERCAHHLTEAIQYVVEFAKRLSG
FMELCQNDQIVLLKAGAMEVVLVRMCRAYNADNRTVFFEGKYGGMELFRALGCSELISSIFDFSHSLSALHFSEDEIALY
TALVLINAHRPGLQEKRKVEQLQYNLELAFHHHLHKTHRQSILAKLPPKGKLRSLCSQHVERLQIFQHLHPIVVQAAFPP
LYKELFS
;
_entity_poly.pdbx_strand_id   A
#
loop_
_chem_comp.id
_chem_comp.type
_chem_comp.name
_chem_comp.formula
UK8 non-polymer '4-[[3-[2-chloranyl-6-(trifluoromethyl)phenyl]-5-(1~{H}-pyrazol-4-yl)-1,2-oxazol-4-yl]methoxy]benzoic acid' 'C21 H13 Cl F3 N3 O4'
#
# COMPACT_ATOMS: atom_id res chain seq x y z
N SER A 6 -19.30 -23.80 -3.26
CA SER A 6 -17.96 -24.34 -3.05
C SER A 6 -17.29 -23.70 -1.82
N LEU A 7 -17.50 -24.32 -0.66
CA LEU A 7 -17.02 -23.76 0.60
C LEU A 7 -15.50 -23.72 0.66
N THR A 8 -14.84 -24.84 0.38
CA THR A 8 -13.38 -24.87 0.50
C THR A 8 -12.70 -24.09 -0.61
N GLU A 9 -13.35 -23.92 -1.77
CA GLU A 9 -12.78 -23.07 -2.81
C GLU A 9 -12.57 -21.65 -2.29
N ILE A 10 -13.58 -21.09 -1.62
CA ILE A 10 -13.42 -19.76 -1.05
C ILE A 10 -12.33 -19.78 0.03
N GLU A 11 -12.31 -20.81 0.89
CA GLU A 11 -11.20 -20.96 1.83
C GLU A 11 -9.86 -21.15 1.13
N HIS A 12 -9.86 -21.74 -0.09
CA HIS A 12 -8.65 -21.78 -0.90
C HIS A 12 -8.15 -20.39 -1.24
N LEU A 13 -9.02 -19.60 -1.89
CA LEU A 13 -8.64 -18.27 -2.35
C LEU A 13 -8.14 -17.44 -1.18
N VAL A 14 -8.74 -17.64 -0.01
CA VAL A 14 -8.22 -17.01 1.21
C VAL A 14 -6.77 -17.42 1.43
N GLN A 15 -6.50 -18.72 1.39
CA GLN A 15 -5.15 -19.19 1.68
C GLN A 15 -4.18 -18.70 0.60
N SER A 16 -4.63 -18.57 -0.66
CA SER A 16 -3.75 -18.09 -1.73
C SER A 16 -3.49 -16.58 -1.66
N VAL A 17 -4.47 -15.80 -1.22
CA VAL A 17 -4.26 -14.36 -1.01
C VAL A 17 -3.31 -14.14 0.16
N CYS A 18 -3.51 -14.90 1.25
CA CYS A 18 -2.69 -14.70 2.43
C CYS A 18 -1.25 -15.10 2.18
N LYS A 19 -1.04 -16.17 1.42
CA LYS A 19 0.31 -16.61 1.08
C LYS A 19 1.01 -15.60 0.17
N SER A 20 0.31 -15.07 -0.84
N SER A 20 0.30 -15.09 -0.84
CA SER A 20 0.89 -14.04 -1.69
CA SER A 20 0.87 -14.05 -1.69
C SER A 20 1.27 -12.83 -0.85
C SER A 20 1.27 -12.84 -0.85
N TYR A 21 0.39 -12.44 0.08
CA TYR A 21 0.68 -11.32 0.96
C TYR A 21 1.92 -11.59 1.84
N ARG A 22 2.00 -12.79 2.41
CA ARG A 22 3.09 -13.11 3.31
C ARG A 22 4.42 -13.05 2.57
N GLU A 23 4.43 -13.49 1.31
CA GLU A 23 5.63 -13.50 0.49
C GLU A 23 6.06 -12.10 0.04
N THR A 24 5.16 -11.13 0.04
CA THR A 24 5.44 -9.81 -0.53
C THR A 24 5.28 -8.67 0.46
N CYS A 25 5.14 -8.94 1.75
CA CYS A 25 4.74 -7.86 2.65
C CYS A 25 5.92 -7.04 3.15
N GLN A 26 7.15 -7.40 2.76
CA GLN A 26 8.39 -6.65 2.99
C GLN A 26 8.96 -6.87 4.39
N LEU A 27 8.19 -6.54 5.41
CA LEU A 27 8.60 -6.74 6.79
C LEU A 27 7.48 -7.48 7.52
N ARG A 28 7.88 -8.40 8.40
CA ARG A 28 6.92 -9.10 9.23
C ARG A 28 6.34 -8.18 10.31
N LEU A 29 5.05 -8.35 10.60
CA LEU A 29 4.40 -7.51 11.59
C LEU A 29 5.10 -7.58 12.94
N GLU A 30 5.63 -8.76 13.31
CA GLU A 30 6.24 -8.90 14.62
C GLU A 30 7.55 -8.14 14.70
N ASP A 31 8.29 -8.09 13.58
CA ASP A 31 9.45 -7.22 13.48
C ASP A 31 9.07 -5.75 13.65
N LEU A 32 8.05 -5.29 12.90
CA LEU A 32 7.62 -3.90 13.07
C LEU A 32 7.19 -3.60 14.49
N LEU A 33 6.45 -4.51 15.13
CA LEU A 33 6.02 -4.26 16.50
C LEU A 33 7.19 -4.29 17.48
N ARG A 34 8.11 -5.24 17.31
CA ARG A 34 9.26 -5.34 18.21
C ARG A 34 10.17 -4.12 18.12
N GLN A 35 10.23 -3.47 16.96
CA GLN A 35 11.13 -2.34 16.75
C GLN A 35 10.55 -1.02 17.23
N ARG A 36 9.32 -1.05 17.75
CA ARG A 36 8.62 0.18 18.11
C ARG A 36 9.40 0.99 19.14
N SER A 37 10.16 0.33 20.01
CA SER A 37 10.99 1.07 20.98
C SER A 37 12.24 1.64 20.35
N ASN A 38 12.54 1.28 19.11
CA ASN A 38 13.75 1.74 18.42
C ASN A 38 13.42 3.01 17.64
N ILE A 39 13.70 4.18 18.24
CA ILE A 39 13.25 5.48 17.77
C ILE A 39 14.45 6.38 17.49
N PHE A 40 14.41 7.11 16.37
CA PHE A 40 15.46 8.06 16.05
C PHE A 40 15.65 9.07 17.17
N SER A 41 16.93 9.35 17.49
CA SER A 41 17.28 10.41 18.45
C SER A 41 17.04 11.80 17.85
N ARG A 42 17.08 12.82 18.71
CA ARG A 42 17.01 14.18 18.21
C ARG A 42 18.17 14.47 17.27
N GLU A 43 19.35 13.90 17.55
CA GLU A 43 20.50 14.09 16.68
C GLU A 43 20.29 13.42 15.33
N GLU A 44 19.71 12.21 15.35
CA GLU A 44 19.42 11.52 14.09
C GLU A 44 18.34 12.24 13.30
N VAL A 45 17.33 12.78 13.97
CA VAL A 45 16.28 13.50 13.26
C VAL A 45 16.87 14.72 12.56
N THR A 46 17.77 15.42 13.25
CA THR A 46 18.38 16.62 12.68
C THR A 46 19.18 16.28 11.44
N GLY A 47 19.89 15.14 11.44
CA GLY A 47 20.60 14.71 10.25
C GLY A 47 19.69 14.55 9.06
N TYR A 48 18.51 13.94 9.26
CA TYR A 48 17.54 13.82 8.17
C TYR A 48 17.02 15.19 7.74
N GLN A 49 16.72 16.04 8.71
CA GLN A 49 16.19 17.37 8.40
C GLN A 49 17.20 18.20 7.62
N ARG A 50 18.49 17.98 7.83
CA ARG A 50 19.49 18.79 7.15
C ARG A 50 19.84 18.27 5.75
N LYS A 51 19.35 17.10 5.37
CA LYS A 51 19.60 16.59 4.01
C LYS A 51 18.95 17.47 2.96
N SER A 52 19.52 17.46 1.76
CA SER A 52 18.88 18.07 0.63
C SER A 52 17.48 17.51 0.41
N MET A 53 16.57 18.41 0.01
CA MET A 53 15.28 18.01 -0.59
C MET A 53 15.42 16.83 -1.52
N TRP A 54 16.36 16.94 -2.45
CA TRP A 54 16.45 16.00 -3.56
C TRP A 54 17.10 14.71 -3.13
N GLU A 55 17.91 14.73 -2.07
CA GLU A 55 18.38 13.46 -1.55
C GLU A 55 17.28 12.76 -0.78
N MET A 56 16.46 13.51 -0.06
CA MET A 56 15.41 12.84 0.68
C MET A 56 14.38 12.32 -0.32
N TRP A 57 14.17 13.09 -1.39
CA TRP A 57 13.31 12.63 -2.50
C TRP A 57 13.85 11.32 -3.08
N GLU A 58 15.15 11.24 -3.30
CA GLU A 58 15.73 10.04 -3.89
C GLU A 58 15.53 8.84 -2.96
N ARG A 59 15.71 9.04 -1.67
CA ARG A 59 15.49 7.96 -0.71
C ARG A 59 14.04 7.52 -0.71
N CYS A 60 13.13 8.49 -0.58
CA CYS A 60 11.71 8.15 -0.48
C CYS A 60 11.20 7.54 -1.79
N ALA A 61 11.59 8.11 -2.92
CA ALA A 61 11.19 7.56 -4.21
C ALA A 61 11.61 6.10 -4.37
N HIS A 62 12.80 5.75 -3.91
CA HIS A 62 13.24 4.36 -4.07
C HIS A 62 12.52 3.42 -3.09
N HIS A 63 12.24 3.88 -1.86
CA HIS A 63 11.42 3.07 -0.96
C HIS A 63 10.03 2.86 -1.55
N LEU A 64 9.46 3.90 -2.17
CA LEU A 64 8.12 3.79 -2.73
C LEU A 64 8.12 2.92 -3.99
N THR A 65 9.16 3.03 -4.81
CA THR A 65 9.27 2.15 -5.96
C THR A 65 9.34 0.68 -5.53
N GLU A 66 10.20 0.36 -4.57
CA GLU A 66 10.25 -1.00 -4.05
C GLU A 66 8.88 -1.42 -3.53
N ALA A 67 8.23 -0.57 -2.76
CA ALA A 67 6.91 -0.91 -2.23
C ALA A 67 5.92 -1.23 -3.35
N ILE A 68 5.92 -0.44 -4.42
CA ILE A 68 5.04 -0.69 -5.55
C ILE A 68 5.38 -2.03 -6.18
N GLN A 69 6.68 -2.35 -6.28
CA GLN A 69 7.05 -3.59 -6.95
C GLN A 69 6.59 -4.81 -6.16
N TYR A 70 6.62 -4.72 -4.83
CA TYR A 70 6.09 -5.80 -4.00
C TYR A 70 4.57 -5.94 -4.19
N VAL A 71 3.87 -4.83 -4.34
CA VAL A 71 2.43 -4.88 -4.61
C VAL A 71 2.16 -5.52 -5.96
N VAL A 72 3.00 -5.23 -6.97
CA VAL A 72 2.76 -5.87 -8.26
C VAL A 72 2.94 -7.37 -8.11
N GLU A 73 3.98 -7.77 -7.40
CA GLU A 73 4.21 -9.20 -7.16
C GLU A 73 3.04 -9.83 -6.41
N PHE A 74 2.49 -9.11 -5.42
CA PHE A 74 1.27 -9.52 -4.72
C PHE A 74 0.15 -9.80 -5.70
N ALA A 75 -0.13 -8.82 -6.57
CA ALA A 75 -1.19 -8.99 -7.56
C ALA A 75 -0.93 -10.20 -8.44
N LYS A 76 0.31 -10.33 -8.93
CA LYS A 76 0.63 -11.39 -9.89
C LYS A 76 0.36 -12.77 -9.31
N ARG A 77 0.44 -12.90 -8.00
CA ARG A 77 0.26 -14.16 -7.30
C ARG A 77 -1.18 -14.41 -6.86
N LEU A 78 -2.08 -13.48 -7.15
CA LEU A 78 -3.50 -13.67 -6.87
C LEU A 78 -4.05 -14.61 -7.93
N SER A 79 -4.59 -15.75 -7.50
CA SER A 79 -5.28 -16.64 -8.43
C SER A 79 -6.24 -15.85 -9.30
N GLY A 80 -6.05 -15.93 -10.61
CA GLY A 80 -6.92 -15.26 -11.55
C GLY A 80 -6.37 -13.98 -12.14
N PHE A 81 -5.44 -13.30 -11.48
CA PHE A 81 -4.96 -12.01 -11.99
C PHE A 81 -4.22 -12.16 -13.32
N MET A 82 -3.31 -13.14 -13.38
CA MET A 82 -2.55 -13.39 -14.61
C MET A 82 -3.43 -13.81 -15.77
N GLU A 83 -4.63 -14.32 -15.50
CA GLU A 83 -5.53 -14.74 -16.56
C GLU A 83 -6.26 -13.56 -17.19
N LEU A 84 -6.31 -12.42 -16.49
CA LEU A 84 -6.85 -11.20 -17.07
C LEU A 84 -5.97 -10.77 -18.25
N CYS A 85 -6.54 -9.96 -19.14
CA CYS A 85 -5.71 -9.51 -20.25
C CYS A 85 -4.69 -8.49 -19.74
N GLN A 86 -3.59 -8.35 -20.49
CA GLN A 86 -2.54 -7.42 -20.05
C GLN A 86 -3.09 -6.02 -19.86
N ASN A 87 -3.93 -5.55 -20.78
CA ASN A 87 -4.48 -4.20 -20.63
C ASN A 87 -5.17 -4.04 -19.28
N ASP A 88 -5.97 -5.04 -18.88
CA ASP A 88 -6.71 -4.90 -17.64
C ASP A 88 -5.78 -4.99 -16.43
N GLN A 89 -4.80 -5.89 -16.46
CA GLN A 89 -3.81 -5.94 -15.39
C GLN A 89 -3.21 -4.56 -15.16
N ILE A 90 -2.82 -3.89 -16.25
CA ILE A 90 -2.19 -2.57 -16.13
C ILE A 90 -3.17 -1.54 -15.61
N VAL A 91 -4.41 -1.57 -16.12
CA VAL A 91 -5.40 -0.63 -15.63
C VAL A 91 -5.54 -0.77 -14.12
N LEU A 92 -5.61 -2.01 -13.62
CA LEU A 92 -5.85 -2.21 -12.19
C LEU A 92 -4.64 -1.77 -11.37
N LEU A 93 -3.44 -2.17 -11.79
CA LEU A 93 -2.22 -1.78 -11.08
C LEU A 93 -2.00 -0.27 -11.12
N LYS A 94 -2.15 0.36 -12.28
CA LYS A 94 -1.95 1.80 -12.34
C LYS A 94 -2.88 2.51 -11.36
N ALA A 95 -4.16 2.13 -11.33
CA ALA A 95 -5.10 2.82 -10.46
C ALA A 95 -4.93 2.43 -8.98
N GLY A 96 -4.56 1.20 -8.67
CA GLY A 96 -4.64 0.74 -7.30
C GLY A 96 -3.36 0.37 -6.58
N ALA A 97 -2.23 0.22 -7.28
CA ALA A 97 -1.03 -0.25 -6.58
C ALA A 97 -0.57 0.75 -5.52
N MET A 98 -0.60 2.04 -5.83
CA MET A 98 -0.23 3.03 -4.81
C MET A 98 -1.24 3.08 -3.68
N GLU A 99 -2.53 2.88 -3.98
CA GLU A 99 -3.52 2.81 -2.90
C GLU A 99 -3.17 1.70 -1.91
N VAL A 100 -2.74 0.54 -2.42
CA VAL A 100 -2.32 -0.55 -1.57
C VAL A 100 -1.08 -0.17 -0.75
N VAL A 101 -0.09 0.47 -1.39
CA VAL A 101 1.09 0.92 -0.64
C VAL A 101 0.67 1.80 0.53
N LEU A 102 -0.26 2.72 0.30
CA LEU A 102 -0.67 3.61 1.38
C LEU A 102 -1.36 2.82 2.49
N VAL A 103 -2.23 1.88 2.12
CA VAL A 103 -2.88 1.04 3.13
C VAL A 103 -1.84 0.24 3.90
N ARG A 104 -0.91 -0.40 3.18
CA ARG A 104 0.14 -1.20 3.81
C ARG A 104 0.96 -0.40 4.82
N MET A 105 1.00 0.91 4.69
CA MET A 105 1.81 1.75 5.58
C MET A 105 1.33 1.67 7.02
N CYS A 106 0.04 1.38 7.26
CA CYS A 106 -0.45 1.45 8.65
C CYS A 106 0.21 0.40 9.53
N ARG A 107 0.66 -0.71 8.96
CA ARG A 107 1.39 -1.72 9.73
C ARG A 107 2.65 -1.14 10.36
N ALA A 108 3.30 -0.20 9.68
CA ALA A 108 4.55 0.39 10.16
C ALA A 108 4.32 1.67 10.97
N TYR A 109 3.07 2.00 11.26
CA TYR A 109 2.71 3.22 11.96
C TYR A 109 2.37 2.90 13.42
N ASN A 110 2.94 3.68 14.33
CA ASN A 110 2.69 3.53 15.76
C ASN A 110 1.88 4.73 16.26
N ALA A 111 0.59 4.48 16.53
CA ALA A 111 -0.31 5.55 16.97
C ALA A 111 0.01 6.06 18.36
N ASP A 112 0.79 5.32 19.15
CA ASP A 112 1.10 5.78 20.50
C ASP A 112 1.87 7.10 20.47
N ASN A 113 2.88 7.19 19.61
CA ASN A 113 3.69 8.41 19.52
C ASN A 113 3.69 9.02 18.14
N ARG A 114 2.89 8.49 17.21
CA ARG A 114 2.69 9.09 15.88
C ARG A 114 3.96 9.00 15.03
N THR A 115 4.60 7.84 15.04
CA THR A 115 5.83 7.57 14.32
C THR A 115 5.61 6.47 13.28
N VAL A 116 6.47 6.45 12.28
CA VAL A 116 6.49 5.42 11.26
C VAL A 116 7.88 4.80 11.19
N PHE A 117 7.94 3.54 10.79
CA PHE A 117 9.20 2.83 10.68
C PHE A 117 9.85 3.22 9.36
N PHE A 118 10.94 3.98 9.43
CA PHE A 118 11.59 4.51 8.24
C PHE A 118 13.09 4.25 8.34
N GLU A 119 13.62 3.46 7.42
CA GLU A 119 15.06 3.22 7.33
C GLU A 119 15.62 2.72 8.66
N GLY A 120 14.92 1.79 9.30
CA GLY A 120 15.45 1.06 10.43
C GLY A 120 14.98 1.48 11.80
N LYS A 121 14.42 2.69 11.96
CA LYS A 121 13.91 3.15 13.24
CA LYS A 121 13.92 3.17 13.24
C LYS A 121 12.62 3.91 13.02
N TYR A 122 11.92 4.21 14.12
CA TYR A 122 10.70 4.98 14.10
C TYR A 122 10.99 6.47 14.27
N GLY A 123 10.26 7.29 13.52
CA GLY A 123 10.31 8.73 13.67
C GLY A 123 9.01 9.38 13.25
N GLY A 124 8.84 10.63 13.66
CA GLY A 124 7.66 11.40 13.35
C GLY A 124 7.75 12.10 12.00
N MET A 125 6.72 12.87 11.69
CA MET A 125 6.69 13.52 10.37
C MET A 125 7.77 14.58 10.24
N GLU A 126 8.34 15.03 11.35
CA GLU A 126 9.37 16.06 11.28
C GLU A 126 10.65 15.51 10.65
N LEU A 127 10.77 14.18 10.60
CA LEU A 127 11.84 13.53 9.86
C LEU A 127 11.88 13.95 8.40
N PHE A 128 10.72 14.27 7.81
CA PHE A 128 10.63 14.50 6.38
C PHE A 128 10.62 15.99 6.03
N ARG A 129 11.07 16.84 6.95
CA ARG A 129 10.92 18.29 6.76
C ARG A 129 11.57 18.78 5.46
N ALA A 130 12.69 18.19 5.09
CA ALA A 130 13.44 18.72 3.96
C ALA A 130 12.71 18.51 2.65
N LEU A 131 11.68 17.66 2.63
CA LEU A 131 10.88 17.45 1.42
C LEU A 131 9.97 18.63 1.13
N GLY A 132 9.65 19.43 2.13
CA GLY A 132 8.78 20.58 1.92
C GLY A 132 7.39 20.18 1.44
N CYS A 133 6.84 19.12 2.00
CA CYS A 133 5.54 18.54 1.63
C CYS A 133 4.67 18.36 2.85
N SER A 134 4.67 19.34 3.77
CA SER A 134 4.17 19.01 5.10
C SER A 134 2.68 18.66 5.08
N GLU A 135 1.96 19.19 4.11
CA GLU A 135 0.53 18.95 4.02
C GLU A 135 0.26 17.51 3.63
N LEU A 136 0.93 17.06 2.56
CA LEU A 136 0.80 15.68 2.10
C LEU A 136 1.27 14.69 3.15
N ILE A 137 2.39 15.00 3.82
CA ILE A 137 2.91 14.10 4.83
C ILE A 137 1.95 14.00 6.00
N SER A 138 1.37 15.14 6.41
CA SER A 138 0.32 15.12 7.45
C SER A 138 -0.84 14.24 7.03
N SER A 139 -1.28 14.36 5.76
CA SER A 139 -2.41 13.57 5.27
C SER A 139 -2.09 12.09 5.24
N ILE A 140 -0.85 11.73 4.91
CA ILE A 140 -0.44 10.33 4.95
C ILE A 140 -0.39 9.83 6.40
N PHE A 141 0.19 10.61 7.31
CA PHE A 141 0.22 10.18 8.70
C PHE A 141 -1.20 10.07 9.28
N ASP A 142 -2.06 11.06 9.00
CA ASP A 142 -3.45 11.00 9.48
C ASP A 142 -4.18 9.78 8.96
N PHE A 143 -3.94 9.43 7.70
CA PHE A 143 -4.60 8.27 7.12
C PHE A 143 -4.18 7.01 7.85
N SER A 144 -2.87 6.80 7.99
CA SER A 144 -2.36 5.66 8.73
C SER A 144 -2.86 5.68 10.16
N HIS A 145 -3.06 6.88 10.72
CA HIS A 145 -3.57 6.95 12.09
C HIS A 145 -5.01 6.44 12.17
N SER A 146 -5.81 6.77 11.16
CA SER A 146 -7.19 6.28 11.17
C SER A 146 -7.22 4.78 10.93
N LEU A 147 -6.38 4.26 10.04
CA LEU A 147 -6.38 2.82 9.83
C LEU A 147 -5.87 2.07 11.04
N SER A 148 -4.89 2.62 11.76
CA SER A 148 -4.28 1.86 12.85
CA SER A 148 -4.28 1.91 12.88
C SER A 148 -5.28 1.62 13.97
N ALA A 149 -6.30 2.47 14.10
CA ALA A 149 -7.36 2.26 15.07
C ALA A 149 -8.15 0.98 14.80
N LEU A 150 -8.12 0.46 13.58
CA LEU A 150 -8.83 -0.76 13.26
C LEU A 150 -8.13 -2.00 13.79
N HIS A 151 -6.85 -1.89 14.14
CA HIS A 151 -6.03 -3.04 14.51
C HIS A 151 -6.19 -4.16 13.49
N PHE A 152 -6.08 -3.78 12.21
CA PHE A 152 -6.03 -4.68 11.08
C PHE A 152 -5.17 -5.89 11.37
N SER A 153 -5.76 -7.07 11.27
CA SER A 153 -4.94 -8.26 11.25
C SER A 153 -4.31 -8.43 9.86
N GLU A 154 -3.33 -9.32 9.78
CA GLU A 154 -2.60 -9.51 8.52
C GLU A 154 -3.50 -10.06 7.42
N ASP A 155 -4.43 -10.97 7.76
CA ASP A 155 -5.34 -11.49 6.73
C ASP A 155 -6.34 -10.43 6.29
N GLU A 156 -6.74 -9.55 7.20
CA GLU A 156 -7.67 -8.48 6.84
C GLU A 156 -7.02 -7.50 5.86
N ILE A 157 -5.77 -7.13 6.12
CA ILE A 157 -5.03 -6.26 5.20
C ILE A 157 -4.83 -6.95 3.87
N ALA A 158 -4.49 -8.24 3.89
CA ALA A 158 -4.33 -8.99 2.64
C ALA A 158 -5.60 -9.01 1.81
N LEU A 159 -6.73 -9.37 2.42
CA LEU A 159 -7.95 -9.52 1.64
C LEU A 159 -8.49 -8.16 1.21
N TYR A 160 -8.44 -7.19 2.12
CA TYR A 160 -8.86 -5.82 1.80
C TYR A 160 -8.02 -5.21 0.66
N THR A 161 -6.68 -5.31 0.74
CA THR A 161 -5.86 -4.79 -0.35
C THR A 161 -6.04 -5.57 -1.65
N ALA A 162 -6.32 -6.88 -1.58
CA ALA A 162 -6.70 -7.59 -2.81
C ALA A 162 -7.90 -6.90 -3.46
N LEU A 163 -8.87 -6.44 -2.67
CA LEU A 163 -10.05 -5.80 -3.25
C LEU A 163 -9.78 -4.37 -3.69
N VAL A 164 -8.87 -3.66 -3.01
CA VAL A 164 -8.45 -2.35 -3.52
C VAL A 164 -7.99 -2.51 -4.96
N LEU A 165 -7.23 -3.57 -5.24
CA LEU A 165 -6.71 -3.79 -6.59
C LEU A 165 -7.81 -4.28 -7.54
N ILE A 166 -8.57 -5.29 -7.14
CA ILE A 166 -9.46 -6.00 -8.07
C ILE A 166 -10.81 -5.30 -7.99
N ASN A 167 -10.93 -4.21 -8.75
CA ASN A 167 -12.10 -3.34 -8.70
C ASN A 167 -12.60 -3.18 -10.12
N ALA A 168 -13.75 -3.78 -10.42
CA ALA A 168 -14.25 -3.80 -11.80
C ALA A 168 -14.76 -2.44 -12.26
N HIS A 169 -14.78 -1.44 -11.40
CA HIS A 169 -15.24 -0.12 -11.79
C HIS A 169 -14.13 0.78 -12.37
N ARG A 170 -12.87 0.35 -12.34
CA ARG A 170 -11.81 1.18 -12.91
C ARG A 170 -12.12 1.49 -14.37
N PRO A 171 -12.11 2.76 -14.78
CA PRO A 171 -12.34 3.07 -16.20
C PRO A 171 -11.27 2.47 -17.11
N GLY A 172 -11.71 1.97 -18.24
CA GLY A 172 -10.81 1.48 -19.25
C GLY A 172 -10.58 -0.01 -19.25
N LEU A 173 -11.36 -0.78 -18.49
CA LEU A 173 -11.22 -2.23 -18.54
C LEU A 173 -11.84 -2.79 -19.82
N GLN A 174 -11.17 -3.76 -20.41
CA GLN A 174 -11.64 -4.38 -21.64
C GLN A 174 -12.53 -5.60 -21.36
N GLU A 175 -12.17 -6.41 -20.36
CA GLU A 175 -12.91 -7.63 -20.01
C GLU A 175 -13.54 -7.47 -18.63
N LYS A 176 -14.52 -6.55 -18.55
CA LYS A 176 -15.10 -6.17 -17.27
C LYS A 176 -15.74 -7.36 -16.54
N ARG A 177 -16.45 -8.24 -17.26
CA ARG A 177 -17.09 -9.39 -16.62
C ARG A 177 -16.04 -10.27 -15.93
N LYS A 178 -14.88 -10.41 -16.57
CA LYS A 178 -13.80 -11.21 -16.01
C LYS A 178 -13.30 -10.62 -14.70
N VAL A 179 -13.08 -9.30 -14.66
CA VAL A 179 -12.66 -8.67 -13.40
C VAL A 179 -13.75 -8.79 -12.35
N GLU A 180 -15.02 -8.68 -12.78
CA GLU A 180 -16.13 -8.81 -11.84
C GLU A 180 -16.12 -10.19 -11.16
N GLN A 181 -15.88 -11.26 -11.91
CA GLN A 181 -15.87 -12.59 -11.31
C GLN A 181 -14.82 -12.66 -10.21
N LEU A 182 -13.60 -12.21 -10.51
CA LEU A 182 -12.54 -12.21 -9.50
C LEU A 182 -12.92 -11.36 -8.30
N GLN A 183 -13.48 -10.19 -8.56
CA GLN A 183 -13.91 -9.30 -7.48
C GLN A 183 -14.94 -9.97 -6.57
N TYR A 184 -15.98 -10.58 -7.15
CA TYR A 184 -17.02 -11.19 -6.32
C TYR A 184 -16.43 -12.31 -5.46
N ASN A 185 -15.56 -13.12 -6.04
CA ASN A 185 -14.96 -14.19 -5.27
C ASN A 185 -14.12 -13.64 -4.13
N LEU A 186 -13.38 -12.56 -4.37
CA LEU A 186 -12.60 -11.95 -3.29
C LEU A 186 -13.49 -11.30 -2.24
N GLU A 187 -14.60 -10.68 -2.67
CA GLU A 187 -15.51 -10.11 -1.68
C GLU A 187 -16.10 -11.20 -0.79
N LEU A 188 -16.48 -12.32 -1.38
CA LEU A 188 -17.03 -13.41 -0.58
C LEU A 188 -15.98 -13.93 0.41
N ALA A 189 -14.74 -14.15 -0.08
CA ALA A 189 -13.62 -14.55 0.78
C ALA A 189 -13.43 -13.61 1.95
N PHE A 190 -13.46 -12.31 1.68
CA PHE A 190 -13.26 -11.30 2.72
C PHE A 190 -14.40 -11.34 3.73
N HIS A 191 -15.64 -11.34 3.25
CA HIS A 191 -16.78 -11.33 4.17
C HIS A 191 -16.89 -12.65 4.92
N HIS A 192 -16.58 -13.76 4.27
CA HIS A 192 -16.55 -15.03 5.01
C HIS A 192 -15.51 -15.00 6.13
N HIS A 193 -14.32 -14.49 5.83
CA HIS A 193 -13.27 -14.46 6.85
C HIS A 193 -13.66 -13.58 8.03
N LEU A 194 -14.21 -12.40 7.75
CA LEU A 194 -14.63 -11.50 8.84
C LEU A 194 -15.73 -12.13 9.66
N HIS A 195 -16.62 -12.90 9.03
CA HIS A 195 -17.64 -13.60 9.81
C HIS A 195 -17.02 -14.67 10.72
N LYS A 196 -16.14 -15.51 10.15
CA LYS A 196 -15.43 -16.54 10.89
C LYS A 196 -14.71 -16.02 12.13
N THR A 197 -14.17 -14.78 12.08
CA THR A 197 -13.35 -14.23 13.13
C THR A 197 -14.11 -13.22 13.97
N HIS A 198 -15.41 -13.05 13.73
CA HIS A 198 -16.25 -12.10 14.46
C HIS A 198 -15.73 -10.68 14.31
N ARG A 199 -15.31 -10.33 13.09
CA ARG A 199 -14.66 -9.05 12.82
C ARG A 199 -15.44 -8.23 11.80
N GLN A 200 -16.72 -8.58 11.54
CA GLN A 200 -17.55 -7.84 10.60
C GLN A 200 -17.70 -6.36 11.00
N SER A 201 -17.43 -6.01 12.26
CA SER A 201 -17.59 -4.64 12.71
C SER A 201 -16.58 -3.69 12.06
N ILE A 202 -15.49 -4.20 11.48
CA ILE A 202 -14.58 -3.29 10.78
C ILE A 202 -15.14 -2.81 9.46
N LEU A 203 -16.19 -3.45 8.93
CA LEU A 203 -16.69 -3.09 7.61
C LEU A 203 -17.20 -1.65 7.60
N ALA A 204 -17.88 -1.23 8.66
CA ALA A 204 -18.36 0.15 8.73
C ALA A 204 -17.26 1.15 9.01
N LYS A 205 -16.08 0.67 9.41
CA LYS A 205 -14.98 1.54 9.81
C LYS A 205 -13.91 1.70 8.74
N LEU A 206 -14.01 0.97 7.63
CA LEU A 206 -13.05 1.09 6.55
C LEU A 206 -13.08 2.52 5.98
N PRO A 207 -11.99 2.95 5.33
CA PRO A 207 -11.97 4.32 4.79
C PRO A 207 -13.08 4.51 3.78
N PRO A 208 -13.77 5.64 3.82
CA PRO A 208 -14.79 5.90 2.81
C PRO A 208 -14.21 5.79 1.41
N LYS A 209 -14.96 5.15 0.53
CA LYS A 209 -14.63 5.16 -0.88
C LYS A 209 -14.57 6.62 -1.34
N GLY A 210 -13.45 6.98 -1.98
CA GLY A 210 -13.15 8.34 -2.34
C GLY A 210 -12.05 8.95 -1.48
N LYS A 211 -12.00 8.58 -0.20
CA LYS A 211 -10.95 9.05 0.70
C LYS A 211 -9.58 8.50 0.27
N LEU A 212 -9.50 7.21 0.00
CA LEU A 212 -8.24 6.62 -0.42
C LEU A 212 -7.89 7.05 -1.83
N ARG A 213 -8.89 7.19 -2.70
CA ARG A 213 -8.69 7.69 -4.05
C ARG A 213 -8.08 9.09 -4.04
N SER A 214 -8.61 9.97 -3.19
CA SER A 214 -8.15 11.36 -3.13
C SER A 214 -6.72 11.44 -2.63
N LEU A 215 -6.44 10.73 -1.55
CA LEU A 215 -5.11 10.77 -0.98
C LEU A 215 -4.08 10.20 -1.96
N CYS A 216 -4.43 9.12 -2.65
CA CYS A 216 -3.47 8.54 -3.58
C CYS A 216 -3.23 9.45 -4.78
N SER A 217 -4.27 10.13 -5.28
CA SER A 217 -4.07 10.98 -6.45
C SER A 217 -3.20 12.20 -6.08
N GLN A 218 -3.40 12.76 -4.88
CA GLN A 218 -2.52 13.82 -4.39
C GLN A 218 -1.09 13.32 -4.26
N HIS A 219 -0.93 12.15 -3.64
CA HIS A 219 0.39 11.54 -3.46
C HIS A 219 1.09 11.33 -4.81
N VAL A 220 0.41 10.64 -5.73
CA VAL A 220 1.04 10.34 -7.01
C VAL A 220 1.33 11.63 -7.79
N GLU A 221 0.47 12.64 -7.65
CA GLU A 221 0.73 13.92 -8.32
C GLU A 221 2.00 14.57 -7.80
N ARG A 222 2.20 14.58 -6.47
CA ARG A 222 3.44 15.06 -5.88
C ARG A 222 4.66 14.29 -6.40
N LEU A 223 4.58 12.95 -6.40
CA LEU A 223 5.69 12.15 -6.89
C LEU A 223 6.01 12.47 -8.35
N GLN A 224 4.97 12.70 -9.17
CA GLN A 224 5.19 13.04 -10.58
C GLN A 224 5.88 14.39 -10.72
N ILE A 225 5.55 15.34 -9.85
CA ILE A 225 6.24 16.64 -9.86
C ILE A 225 7.71 16.49 -9.51
N PHE A 226 8.00 15.79 -8.40
CA PHE A 226 9.38 15.52 -8.02
C PHE A 226 10.12 14.82 -9.14
N GLN A 227 9.49 13.81 -9.75
CA GLN A 227 10.14 13.04 -10.80
C GLN A 227 10.45 13.91 -12.01
N HIS A 228 9.56 14.86 -12.32
CA HIS A 228 9.77 15.77 -13.43
C HIS A 228 10.94 16.72 -13.16
N LEU A 229 11.04 17.20 -11.92
CA LEU A 229 12.11 18.11 -11.53
C LEU A 229 13.43 17.39 -11.35
N HIS A 230 13.39 16.17 -10.80
CA HIS A 230 14.60 15.46 -10.40
C HIS A 230 14.39 13.96 -10.60
N PRO A 231 14.46 13.48 -11.85
CA PRO A 231 14.16 12.07 -12.12
C PRO A 231 15.09 11.12 -11.41
N ILE A 232 14.51 10.05 -10.87
CA ILE A 232 15.27 8.95 -10.28
C ILE A 232 15.38 7.83 -11.30
N VAL A 233 16.40 7.00 -11.11
CA VAL A 233 16.62 5.84 -11.96
C VAL A 233 15.89 4.64 -11.37
N VAL A 234 14.96 4.06 -12.13
CA VAL A 234 14.10 2.98 -11.65
C VAL A 234 14.65 1.64 -12.13
N GLN A 235 14.81 0.70 -11.19
CA GLN A 235 15.16 -0.68 -11.47
C GLN A 235 13.87 -1.36 -11.94
N ALA A 236 13.59 -1.22 -13.25
CA ALA A 236 12.27 -1.47 -13.80
C ALA A 236 12.09 -2.96 -14.06
N ALA A 237 11.08 -3.55 -13.43
CA ALA A 237 10.81 -4.98 -13.57
C ALA A 237 9.54 -5.26 -14.34
N PHE A 238 8.72 -4.24 -14.63
CA PHE A 238 7.40 -4.44 -15.24
C PHE A 238 7.21 -3.44 -16.37
N PRO A 239 7.82 -3.68 -17.53
CA PRO A 239 7.85 -2.67 -18.60
C PRO A 239 6.47 -2.09 -18.93
N PRO A 240 5.42 -2.91 -19.12
CA PRO A 240 4.13 -2.31 -19.49
C PRO A 240 3.62 -1.31 -18.45
N LEU A 241 3.93 -1.55 -17.16
CA LEU A 241 3.48 -0.63 -16.12
C LEU A 241 4.43 0.55 -15.99
N TYR A 242 5.73 0.31 -16.07
CA TYR A 242 6.68 1.42 -16.07
C TYR A 242 6.33 2.42 -17.14
N LYS A 243 5.95 1.93 -18.33
CA LYS A 243 5.69 2.82 -19.44
C LYS A 243 4.48 3.72 -19.15
N GLU A 244 3.53 3.24 -18.36
CA GLU A 244 2.37 4.05 -18.00
C GLU A 244 2.66 5.12 -16.95
N LEU A 245 3.69 4.97 -16.12
CA LEU A 245 3.92 5.93 -15.02
C LEU A 245 5.04 6.91 -15.32
N PHE A 246 5.98 6.55 -16.18
CA PHE A 246 7.18 7.33 -16.42
C PHE A 246 7.23 7.78 -17.88
N SER A 247 7.86 8.92 -18.12
CA SER A 247 7.91 9.43 -19.50
C SER A 247 9.09 10.38 -19.76
C11 UK8 B . 8.46 6.71 -7.28
C14 UK8 B . 6.77 7.74 -9.27
C15 UK8 B . 5.92 8.33 -10.34
C20 UK8 B . 6.02 1.40 -12.28
C21 UK8 B . 6.78 0.34 -12.74
C1 UK8 B . 8.64 -1.34 -12.50
C10 UK8 B . 7.22 6.14 -7.52
C12 UK8 B . 8.85 7.79 -8.02
C13 UK8 B . 8.01 8.30 -9.01
C16 UK8 B . 3.34 4.61 -9.13
C17 UK8 B . 2.38 3.56 -9.47
C18 UK8 B . 0.98 3.59 -9.30
C19 UK8 B . 2.65 2.34 -10.05
C2 UK8 B . 7.82 -0.18 -11.98
C3 UK8 B . 8.09 0.40 -10.74
C4 UK8 B . 7.35 1.46 -10.27
C5 UK8 B . 6.30 1.97 -11.05
C6 UK8 B . 5.71 3.60 -9.38
C7 UK8 B . 4.72 4.69 -9.10
C8 UK8 B . 5.04 6.00 -8.73
C9 UK8 B . 6.36 6.64 -8.49
F1 UK8 B . 4.92 9.09 -9.87
F2 UK8 B . 6.62 9.13 -11.13
F3 UK8 B . 5.34 7.43 -11.15
N1 UK8 B . 3.95 6.69 -8.52
N2 UK8 B . 0.45 2.46 -9.75
N3 UK8 B . 1.48 1.71 -10.20
O1 UK8 B . 9.41 -1.92 -11.71
O2 UK8 B . 8.56 -1.59 -13.71
O3 UK8 B . 5.51 3.03 -10.69
O4 UK8 B . 2.85 5.82 -8.78
CL1 UK8 B . 6.74 4.79 -6.57
#